data_4EEN
#
_entry.id   4EEN
#
_cell.length_a   55.456
_cell.length_b   55.456
_cell.length_c   274.172
_cell.angle_alpha   90.00
_cell.angle_beta   90.00
_cell.angle_gamma   120.00
#
_symmetry.space_group_name_H-M   'P 65 2 2'
#
loop_
_entity.id
_entity.type
_entity.pdbx_description
1 polymer 'Beta-phosphoglucomutase-related protein'
2 non-polymer 'MAGNESIUM ION'
3 non-polymer 'CHLORIDE ION'
4 water water
#
_entity_poly.entity_id   1
_entity_poly.type   'polypeptide(L)'
_entity_poly.pdbx_seq_one_letter_code
;MHHHHHHSSGVDLGTENLYFQSMPDAPFDAVLFDLDGVLVESEGIIAQVWQSVLAERGLHLDLTEIAMYFTGQRFDGVLA
YLAQQHDFVPPPDFLDVLETRFNAAMTGVTAIEGAAETLRALRAAGVPFAIGSNSERGRLHLKLRVAGLTELAGEHIYDP
SWVGGRGKPHPDLYTFAAQQLGILPERCVVIEDSVTGGAAGLAAGATLWGLLVPGHPHPDGAAALSRLGAARVLTSHAEL
RAALAEAGLLTPALTPDLS
;
_entity_poly.pdbx_strand_id   A
#
loop_
_chem_comp.id
_chem_comp.type
_chem_comp.name
_chem_comp.formula
CL non-polymer 'CHLORIDE ION' 'Cl -1'
MG non-polymer 'MAGNESIUM ION' 'Mg 2'
#
# COMPACT_ATOMS: atom_id res chain seq x y z
N ASP A 25 12.01 28.47 5.85
CA ASP A 25 11.23 27.68 4.84
C ASP A 25 10.90 26.25 5.30
N ALA A 26 9.74 26.07 5.94
CA ALA A 26 9.29 24.75 6.37
C ALA A 26 8.06 24.33 5.56
N PRO A 27 8.23 23.34 4.65
CA PRO A 27 7.19 23.06 3.65
C PRO A 27 5.97 22.27 4.18
N PHE A 28 6.15 21.47 5.24
CA PHE A 28 5.07 20.56 5.70
C PHE A 28 4.71 20.67 7.16
N ASP A 29 3.44 20.42 7.44
CA ASP A 29 2.91 20.38 8.80
C ASP A 29 2.60 18.94 9.21
N ALA A 30 2.28 18.09 8.23
CA ALA A 30 1.80 16.74 8.58
C ALA A 30 2.16 15.70 7.54
N VAL A 31 1.98 14.44 7.91
CA VAL A 31 2.33 13.31 7.01
C VAL A 31 1.09 12.46 6.82
N LEU A 32 0.81 12.09 5.57
CA LEU A 32 -0.31 11.23 5.23
C LEU A 32 0.28 9.94 4.66
N PHE A 33 -0.02 8.82 5.29
CA PHE A 33 0.59 7.53 4.90
C PHE A 33 -0.37 6.66 4.17
N ASP A 34 0.08 6.06 3.09
CA ASP A 34 -0.55 4.84 2.57
C ASP A 34 -0.43 3.67 3.55
N LEU A 35 -1.26 2.65 3.39
CA LEU A 35 -1.07 1.47 4.21
C LEU A 35 -0.27 0.37 3.50
N ASP A 36 -0.89 -0.30 2.49
CA ASP A 36 -0.24 -1.45 1.82
C ASP A 36 1.01 -1.08 1.06
N GLY A 37 2.12 -1.73 1.46
CA GLY A 37 3.38 -1.52 0.78
C GLY A 37 4.25 -0.48 1.46
N VAL A 38 3.62 0.28 2.35
CA VAL A 38 4.29 1.42 3.02
C VAL A 38 4.38 1.18 4.51
N LEU A 39 3.27 0.87 5.16
CA LEU A 39 3.28 0.48 6.60
C LEU A 39 3.18 -1.02 6.77
N VAL A 40 2.35 -1.70 5.95
CA VAL A 40 2.25 -3.15 6.06
C VAL A 40 2.52 -3.86 4.75
N GLU A 41 3.00 -5.09 4.87
CA GLU A 41 3.28 -5.96 3.74
C GLU A 41 2.13 -6.91 3.55
N SER A 42 1.33 -6.69 2.51
CA SER A 42 0.34 -7.72 2.19
C SER A 42 0.31 -8.18 0.72
N GLU A 43 0.85 -7.39 -0.20
CA GLU A 43 0.79 -7.77 -1.62
C GLU A 43 1.76 -8.96 -1.93
N GLY A 44 2.88 -9.04 -1.20
CA GLY A 44 3.83 -10.16 -1.31
C GLY A 44 3.19 -11.46 -0.84
N ILE A 45 2.42 -11.37 0.23
CA ILE A 45 1.70 -12.50 0.77
C ILE A 45 0.63 -12.98 -0.21
N ILE A 46 -0.12 -12.02 -0.78
CA ILE A 46 -1.12 -12.33 -1.78
C ILE A 46 -0.49 -13.02 -3.03
N ALA A 47 0.62 -12.46 -3.52
CA ALA A 47 1.37 -13.05 -4.67
C ALA A 47 1.72 -14.54 -4.39
N GLN A 48 2.21 -14.84 -3.18
CA GLN A 48 2.60 -16.21 -2.83
CA GLN A 48 2.60 -16.20 -2.82
C GLN A 48 1.42 -17.17 -2.85
N VAL A 49 0.24 -16.65 -2.52
CA VAL A 49 -0.98 -17.49 -2.54
C VAL A 49 -1.33 -17.86 -4.00
N TRP A 50 -1.41 -16.83 -4.85
CA TRP A 50 -1.55 -17.07 -6.30
C TRP A 50 -0.53 -18.13 -6.74
N GLN A 51 0.74 -17.90 -6.41
CA GLN A 51 1.85 -18.79 -6.89
C GLN A 51 1.65 -20.25 -6.51
N SER A 52 1.33 -20.52 -5.24
CA SER A 52 1.17 -21.90 -4.76
CA SER A 52 1.18 -21.90 -4.78
CA SER A 52 1.16 -21.89 -4.74
C SER A 52 -0.09 -22.57 -5.29
N VAL A 53 -1.18 -21.85 -5.33
CA VAL A 53 -2.42 -22.41 -5.83
C VAL A 53 -2.31 -22.73 -7.35
N LEU A 54 -1.71 -21.84 -8.11
CA LEU A 54 -1.47 -22.19 -9.53
C LEU A 54 -0.49 -23.34 -9.67
N ALA A 55 0.59 -23.29 -8.91
CA ALA A 55 1.63 -24.33 -8.97
C ALA A 55 1.01 -25.71 -8.76
N GLU A 56 0.14 -25.81 -7.76
CA GLU A 56 -0.49 -27.11 -7.44
C GLU A 56 -1.30 -27.65 -8.61
N ARG A 57 -1.73 -26.74 -9.49
CA ARG A 57 -2.56 -27.08 -10.65
C ARG A 57 -1.78 -27.07 -11.97
N GLY A 58 -0.46 -27.20 -11.89
CA GLY A 58 0.36 -27.32 -13.09
C GLY A 58 1.14 -26.09 -13.54
N LEU A 59 0.68 -24.89 -13.20
CA LEU A 59 1.32 -23.71 -13.79
C LEU A 59 2.26 -23.04 -12.80
N HIS A 60 3.51 -22.86 -13.20
CA HIS A 60 4.54 -22.33 -12.32
C HIS A 60 5.00 -20.92 -12.79
N LEU A 61 4.49 -19.86 -12.14
CA LEU A 61 4.86 -18.50 -12.51
C LEU A 61 5.72 -17.87 -11.43
N ASP A 62 6.57 -16.94 -11.82
CA ASP A 62 7.36 -16.30 -10.78
CA ASP A 62 7.41 -16.14 -10.92
C ASP A 62 6.61 -15.17 -10.05
N LEU A 63 7.07 -14.92 -8.84
CA LEU A 63 6.44 -13.92 -7.98
C LEU A 63 6.39 -12.53 -8.62
N THR A 64 7.40 -12.15 -9.37
CA THR A 64 7.37 -10.83 -10.01
C THR A 64 6.24 -10.72 -11.04
N GLU A 65 6.04 -11.79 -11.84
CA GLU A 65 4.90 -11.78 -12.81
C GLU A 65 3.56 -11.74 -12.11
N ILE A 66 3.38 -12.53 -11.06
CA ILE A 66 2.12 -12.53 -10.36
C ILE A 66 1.81 -11.19 -9.71
N ALA A 67 2.79 -10.59 -9.05
CA ALA A 67 2.52 -9.26 -8.46
C ALA A 67 2.20 -8.25 -9.54
N MET A 68 2.92 -8.33 -10.65
CA MET A 68 2.75 -7.32 -11.69
C MET A 68 1.33 -7.39 -12.31
N TYR A 69 0.86 -8.61 -12.55
CA TYR A 69 -0.36 -8.80 -13.35
C TYR A 69 -1.59 -9.36 -12.60
N PHE A 70 -1.40 -9.91 -11.40
N PHE A 70 -1.38 -9.95 -11.42
CA PHE A 70 -2.56 -10.47 -10.70
CA PHE A 70 -2.52 -10.52 -10.68
C PHE A 70 -3.16 -9.56 -9.64
C PHE A 70 -2.96 -9.62 -9.54
N THR A 71 -2.33 -8.76 -9.01
N THR A 71 -2.06 -9.44 -8.57
CA THR A 71 -2.71 -7.98 -7.83
CA THR A 71 -2.36 -8.70 -7.36
C THR A 71 -3.71 -6.93 -8.10
C THR A 71 -3.18 -7.46 -7.68
N GLY A 72 -4.74 -6.90 -7.29
N GLY A 72 -4.42 -7.41 -7.19
CA GLY A 72 -5.77 -5.92 -7.49
CA GLY A 72 -5.32 -6.26 -7.38
C GLY A 72 -6.53 -6.09 -8.77
C GLY A 72 -6.30 -6.33 -8.55
N GLN A 73 -6.39 -7.24 -9.40
N GLN A 73 -6.29 -7.45 -9.28
CA GLN A 73 -7.15 -7.57 -10.56
CA GLN A 73 -7.11 -7.57 -10.48
C GLN A 73 -8.37 -8.39 -10.22
C GLN A 73 -8.35 -8.44 -10.23
N ARG A 74 -9.45 -8.19 -10.96
CA ARG A 74 -10.64 -8.99 -10.77
C ARG A 74 -10.41 -10.43 -11.23
N PHE A 75 -10.99 -11.39 -10.53
CA PHE A 75 -10.86 -12.80 -10.84
C PHE A 75 -11.03 -13.14 -12.35
N ASP A 76 -12.07 -12.62 -13.00
CA ASP A 76 -12.27 -12.92 -14.41
CA ASP A 76 -12.28 -12.91 -14.41
C ASP A 76 -11.15 -12.33 -15.27
N GLY A 77 -10.54 -11.23 -14.80
CA GLY A 77 -9.40 -10.63 -15.51
C GLY A 77 -8.12 -11.47 -15.35
N VAL A 78 -7.90 -12.03 -14.14
CA VAL A 78 -6.82 -13.03 -13.96
C VAL A 78 -7.06 -14.24 -14.88
N LEU A 79 -8.30 -14.74 -14.92
CA LEU A 79 -8.60 -15.84 -15.85
C LEU A 79 -8.27 -15.47 -17.31
N ALA A 80 -8.69 -14.29 -17.75
CA ALA A 80 -8.36 -13.83 -19.13
C ALA A 80 -6.85 -13.80 -19.36
N TYR A 81 -6.11 -13.29 -18.39
CA TYR A 81 -4.65 -13.17 -18.48
C TYR A 81 -4.02 -14.55 -18.66
N LEU A 82 -4.46 -15.49 -17.83
CA LEU A 82 -3.93 -16.83 -17.83
C LEU A 82 -4.18 -17.49 -19.19
N ALA A 83 -5.34 -17.22 -19.75
CA ALA A 83 -5.73 -17.85 -21.01
C ALA A 83 -4.92 -17.25 -22.15
N GLN A 84 -4.77 -15.94 -22.13
CA GLN A 84 -4.07 -15.20 -23.19
C GLN A 84 -2.56 -15.40 -23.11
N GLN A 85 -1.98 -15.24 -21.92
CA GLN A 85 -0.53 -15.30 -21.82
C GLN A 85 0.04 -16.69 -21.62
N HIS A 86 -0.77 -17.61 -21.10
CA HIS A 86 -0.24 -18.89 -20.66
C HIS A 86 -1.05 -20.09 -21.16
N ASP A 87 -2.06 -19.81 -21.98
CA ASP A 87 -2.85 -20.86 -22.63
C ASP A 87 -3.46 -21.77 -21.57
N PHE A 88 -3.71 -21.22 -20.39
CA PHE A 88 -4.05 -22.04 -19.23
C PHE A 88 -5.44 -21.69 -18.74
N VAL A 89 -6.23 -22.71 -18.45
CA VAL A 89 -7.56 -22.54 -17.87
C VAL A 89 -7.60 -23.40 -16.60
N PRO A 90 -7.71 -22.76 -15.43
CA PRO A 90 -7.71 -23.44 -14.14
C PRO A 90 -8.90 -24.40 -13.93
N PRO A 91 -8.73 -25.40 -13.04
CA PRO A 91 -9.78 -26.39 -12.72
C PRO A 91 -10.99 -25.73 -12.04
N PRO A 92 -12.13 -26.44 -12.02
CA PRO A 92 -13.39 -25.92 -11.47
C PRO A 92 -13.26 -25.29 -10.05
N ASP A 93 -12.47 -25.94 -9.20
CA ASP A 93 -12.31 -25.52 -7.80
C ASP A 93 -11.38 -24.31 -7.57
N PHE A 94 -10.91 -23.68 -8.64
CA PHE A 94 -9.96 -22.58 -8.53
C PHE A 94 -10.47 -21.47 -7.60
N LEU A 95 -11.67 -20.97 -7.86
CA LEU A 95 -12.23 -19.86 -7.08
C LEU A 95 -12.40 -20.16 -5.57
N ASP A 96 -12.85 -21.38 -5.24
CA ASP A 96 -13.10 -21.79 -3.84
C ASP A 96 -11.83 -21.99 -3.03
N VAL A 97 -10.79 -22.51 -3.67
CA VAL A 97 -9.53 -22.78 -2.99
C VAL A 97 -8.71 -21.51 -2.71
N LEU A 98 -8.80 -20.54 -3.63
CA LEU A 98 -8.12 -19.23 -3.51
C LEU A 98 -8.72 -18.37 -2.41
N GLU A 99 -10.02 -18.49 -2.20
CA GLU A 99 -10.66 -17.70 -1.18
C GLU A 99 -10.33 -18.28 0.19
N THR A 100 -10.43 -19.61 0.33
CA THR A 100 -10.02 -20.24 1.57
C THR A 100 -8.65 -19.70 1.92
N ARG A 101 -7.74 -19.79 0.96
CA ARG A 101 -6.33 -19.56 1.23
C ARG A 101 -5.93 -18.08 1.34
N PHE A 102 -6.59 -17.20 0.60
CA PHE A 102 -6.40 -15.75 0.82
C PHE A 102 -6.87 -15.32 2.22
N ASN A 103 -7.86 -16.04 2.75
CA ASN A 103 -8.39 -15.85 4.11
C ASN A 103 -7.37 -16.20 5.19
N ALA A 104 -6.97 -17.47 5.17
CA ALA A 104 -5.94 -17.97 6.07
C ALA A 104 -4.71 -17.07 6.02
N ALA A 105 -4.51 -16.42 4.88
CA ALA A 105 -3.27 -15.65 4.64
C ALA A 105 -3.24 -14.22 5.21
N MET A 106 -4.38 -13.61 5.40
CA MET A 106 -4.33 -12.24 5.90
CA MET A 106 -4.28 -12.23 5.86
C MET A 106 -3.72 -12.16 7.27
N THR A 107 -3.77 -13.24 8.01
CA THR A 107 -3.26 -13.30 9.36
C THR A 107 -1.73 -13.20 9.38
N GLY A 108 -1.09 -13.44 8.25
CA GLY A 108 0.37 -13.37 8.17
C GLY A 108 0.92 -12.06 7.61
N VAL A 109 0.10 -11.02 7.57
CA VAL A 109 0.55 -9.73 7.14
C VAL A 109 1.56 -9.23 8.17
N THR A 110 2.56 -8.48 7.73
CA THR A 110 3.64 -8.07 8.59
C THR A 110 3.95 -6.57 8.42
N ALA A 111 4.57 -5.95 9.42
CA ALA A 111 4.97 -4.56 9.30
C ALA A 111 6.12 -4.45 8.29
N ILE A 112 6.08 -3.45 7.43
CA ILE A 112 7.21 -3.09 6.62
C ILE A 112 8.38 -2.73 7.57
N GLU A 113 9.59 -3.18 7.26
CA GLU A 113 10.74 -2.86 8.09
C GLU A 113 10.88 -1.39 8.29
N GLY A 114 10.99 -1.00 9.54
CA GLY A 114 11.23 0.37 9.88
C GLY A 114 9.99 1.21 9.97
N ALA A 115 8.83 0.62 9.66
CA ALA A 115 7.59 1.42 9.67
C ALA A 115 7.23 1.83 11.09
N ALA A 116 7.33 0.89 12.02
CA ALA A 116 6.98 1.21 13.42
C ALA A 116 7.90 2.34 13.92
N GLU A 117 9.17 2.29 13.54
CA GLU A 117 10.15 3.30 13.95
C GLU A 117 9.77 4.67 13.42
N THR A 118 9.22 4.74 12.20
CA THR A 118 8.86 6.02 11.63
C THR A 118 7.66 6.55 12.40
N LEU A 119 6.66 5.70 12.64
CA LEU A 119 5.46 6.16 13.38
C LEU A 119 5.87 6.60 14.80
N ARG A 120 6.72 5.80 15.43
CA ARG A 120 7.20 6.18 16.77
C ARG A 120 7.90 7.54 16.80
N ALA A 121 8.74 7.78 15.80
CA ALA A 121 9.51 9.04 15.70
C ALA A 121 8.57 10.23 15.49
N LEU A 122 7.63 10.09 14.57
CA LEU A 122 6.65 11.16 14.38
C LEU A 122 5.80 11.44 15.63
N ARG A 123 5.41 10.41 16.39
CA ARG A 123 4.61 10.60 17.62
C ARG A 123 5.47 11.35 18.62
N ALA A 124 6.74 10.97 18.74
CA ALA A 124 7.66 11.57 19.75
C ALA A 124 7.88 13.02 19.44
N ALA A 125 7.84 13.38 18.14
CA ALA A 125 8.08 14.76 17.74
C ALA A 125 6.80 15.58 17.61
N GLY A 126 5.65 14.94 17.88
CA GLY A 126 4.32 15.55 17.87
C GLY A 126 3.81 15.98 16.48
N VAL A 127 4.33 15.32 15.44
CA VAL A 127 3.93 15.63 14.07
C VAL A 127 2.60 14.92 13.79
N PRO A 128 1.55 15.67 13.40
CA PRO A 128 0.30 14.99 13.07
C PRO A 128 0.48 14.08 11.85
N PHE A 129 -0.17 12.92 11.89
CA PHE A 129 -0.19 12.09 10.67
C PHE A 129 -1.50 11.29 10.62
N ALA A 130 -1.83 10.81 9.41
CA ALA A 130 -3.03 9.98 9.20
C ALA A 130 -2.67 8.87 8.24
N ILE A 131 -3.49 7.83 8.23
CA ILE A 131 -3.38 6.71 7.24
C ILE A 131 -4.59 6.79 6.31
N GLY A 132 -4.35 6.73 4.99
CA GLY A 132 -5.46 6.60 3.99
C GLY A 132 -5.28 5.31 3.21
N SER A 133 -6.32 4.49 3.15
CA SER A 133 -6.24 3.21 2.48
C SER A 133 -7.55 2.89 1.74
N ASN A 134 -7.44 2.23 0.58
CA ASN A 134 -8.64 1.72 -0.12
C ASN A 134 -9.22 0.44 0.48
N SER A 135 -8.53 -0.18 1.42
CA SER A 135 -9.04 -1.40 2.08
C SER A 135 -10.41 -1.19 2.73
N GLU A 136 -11.25 -2.23 2.72
CA GLU A 136 -12.44 -2.21 3.53
C GLU A 136 -12.00 -2.04 4.97
N ARG A 137 -12.83 -1.31 5.70
CA ARG A 137 -12.52 -0.88 7.07
C ARG A 137 -12.06 -2.02 7.98
N GLY A 138 -12.77 -3.15 8.01
CA GLY A 138 -12.36 -4.24 8.90
C GLY A 138 -11.01 -4.82 8.50
N ARG A 139 -10.79 -4.99 7.20
CA ARG A 139 -9.50 -5.51 6.66
C ARG A 139 -8.33 -4.53 6.91
N LEU A 140 -8.59 -3.23 6.79
CA LEU A 140 -7.62 -2.18 7.13
C LEU A 140 -7.17 -2.41 8.58
N HIS A 141 -8.11 -2.41 9.49
CA HIS A 141 -7.82 -2.62 10.89
C HIS A 141 -7.21 -3.98 11.20
N LEU A 142 -7.65 -5.04 10.56
CA LEU A 142 -7.04 -6.36 10.73
C LEU A 142 -5.54 -6.28 10.39
N LYS A 143 -5.21 -5.62 9.28
CA LYS A 143 -3.81 -5.61 8.84
C LYS A 143 -2.92 -4.82 9.84
N LEU A 144 -3.40 -3.67 10.34
CA LEU A 144 -2.65 -2.94 11.35
C LEU A 144 -2.51 -3.81 12.64
N ARG A 145 -3.57 -4.50 13.01
CA ARG A 145 -3.52 -5.40 14.16
C ARG A 145 -2.44 -6.48 14.03
N VAL A 146 -2.52 -7.24 12.95
CA VAL A 146 -1.60 -8.40 12.79
C VAL A 146 -0.16 -7.96 12.61
N ALA A 147 0.04 -6.78 12.01
CA ALA A 147 1.35 -6.19 11.83
C ALA A 147 1.93 -5.50 13.10
N GLY A 148 1.13 -5.48 14.18
CA GLY A 148 1.57 -4.88 15.45
C GLY A 148 1.66 -3.37 15.41
N LEU A 149 0.81 -2.73 14.59
CA LEU A 149 0.91 -1.27 14.41
C LEU A 149 -0.28 -0.49 14.93
N THR A 150 -1.26 -1.15 15.53
CA THR A 150 -2.50 -0.48 15.92
C THR A 150 -2.23 0.70 16.83
N GLU A 151 -1.41 0.51 17.86
CA GLU A 151 -1.23 1.59 18.84
C GLU A 151 -0.47 2.74 18.20
N LEU A 152 0.56 2.41 17.41
CA LEU A 152 1.33 3.48 16.75
C LEU A 152 0.50 4.26 15.73
N ALA A 153 -0.41 3.56 15.04
CA ALA A 153 -1.11 4.19 13.93
C ALA A 153 -2.11 5.23 14.42
N GLY A 154 -2.58 5.08 15.65
CA GLY A 154 -3.37 6.14 16.26
C GLY A 154 -4.82 6.21 15.84
N GLU A 155 -5.40 7.39 15.96
CA GLU A 155 -6.82 7.53 15.72
C GLU A 155 -7.17 7.80 14.25
N HIS A 156 -6.25 8.36 13.48
CA HIS A 156 -6.62 8.90 12.17
C HIS A 156 -6.39 7.88 11.07
N ILE A 157 -7.31 6.94 10.99
CA ILE A 157 -7.16 5.79 10.08
C ILE A 157 -8.39 5.80 9.16
N TYR A 158 -8.22 6.06 7.88
CA TYR A 158 -9.39 6.30 7.05
C TYR A 158 -9.44 5.42 5.82
N ASP A 159 -10.61 4.87 5.57
CA ASP A 159 -10.92 4.00 4.46
C ASP A 159 -12.05 4.68 3.68
N PRO A 160 -12.39 4.14 2.51
CA PRO A 160 -13.31 4.92 1.64
C PRO A 160 -14.70 5.12 2.19
N SER A 161 -15.09 4.34 3.20
CA SER A 161 -16.42 4.52 3.79
C SER A 161 -16.60 5.88 4.43
N TRP A 162 -15.49 6.55 4.75
CA TRP A 162 -15.49 7.90 5.25
C TRP A 162 -15.74 9.00 4.22
N VAL A 163 -15.59 8.66 2.93
CA VAL A 163 -15.74 9.62 1.88
C VAL A 163 -16.70 9.06 0.82
N GLY A 164 -17.70 8.32 1.29
CA GLY A 164 -18.71 7.88 0.31
C GLY A 164 -18.28 6.88 -0.74
N GLY A 165 -17.17 6.17 -0.47
CA GLY A 165 -16.73 5.14 -1.40
C GLY A 165 -15.74 5.66 -2.46
N ARG A 166 -15.54 6.99 -2.52
CA ARG A 166 -14.61 7.59 -3.48
C ARG A 166 -13.14 7.45 -3.05
N GLY A 167 -12.62 6.25 -3.23
CA GLY A 167 -11.24 5.96 -2.85
C GLY A 167 -10.18 6.42 -3.84
N LYS A 168 -8.93 6.07 -3.59
CA LYS A 168 -7.87 6.42 -4.52
C LYS A 168 -8.17 5.80 -5.88
N PRO A 169 -7.80 6.48 -6.98
CA PRO A 169 -7.02 7.70 -7.06
C PRO A 169 -7.75 9.03 -6.87
N HIS A 170 -9.05 9.00 -6.57
CA HIS A 170 -9.71 10.26 -6.24
C HIS A 170 -8.95 10.89 -5.08
N PRO A 171 -8.94 12.22 -4.96
CA PRO A 171 -8.18 12.84 -3.85
C PRO A 171 -8.90 12.78 -2.51
N ASP A 172 -10.16 12.38 -2.55
CA ASP A 172 -11.12 12.50 -1.42
C ASP A 172 -10.58 12.01 -0.08
N LEU A 173 -9.91 10.85 -0.04
CA LEU A 173 -9.44 10.28 1.21
C LEU A 173 -8.40 11.17 1.86
N TYR A 174 -7.51 11.72 1.03
CA TYR A 174 -6.40 12.51 1.54
C TYR A 174 -6.86 13.93 1.90
N THR A 175 -7.75 14.49 1.07
CA THR A 175 -8.40 15.75 1.44
C THR A 175 -9.08 15.67 2.82
N PHE A 176 -9.83 14.61 3.03
CA PHE A 176 -10.53 14.35 4.29
C PHE A 176 -9.55 14.11 5.41
N ALA A 177 -8.55 13.24 5.22
CA ALA A 177 -7.57 13.03 6.28
C ALA A 177 -6.89 14.35 6.71
N ALA A 178 -6.46 15.17 5.75
CA ALA A 178 -5.85 16.48 6.07
C ALA A 178 -6.79 17.32 6.94
N GLN A 179 -8.07 17.29 6.55
CA GLN A 179 -9.10 18.11 7.21
C GLN A 179 -9.28 17.65 8.65
N GLN A 180 -9.24 16.34 8.85
CA GLN A 180 -9.40 15.76 10.19
C GLN A 180 -8.26 16.13 11.15
N LEU A 181 -7.08 16.36 10.55
CA LEU A 181 -5.87 16.76 11.27
C LEU A 181 -5.86 18.28 11.50
N GLY A 182 -6.76 18.98 10.83
CA GLY A 182 -6.74 20.45 10.78
C GLY A 182 -5.56 21.05 10.00
N ILE A 183 -5.08 20.33 8.99
CA ILE A 183 -3.94 20.82 8.23
C ILE A 183 -4.45 21.01 6.80
N LEU A 184 -3.93 22.01 6.12
CA LEU A 184 -4.22 22.20 4.70
C LEU A 184 -3.49 21.10 3.93
N PRO A 185 -4.17 20.47 2.96
CA PRO A 185 -3.54 19.41 2.17
C PRO A 185 -2.24 19.86 1.47
N GLU A 186 -2.18 21.13 1.04
CA GLU A 186 -0.94 21.67 0.44
C GLU A 186 0.23 21.66 1.40
N ARG A 187 -0.06 21.57 2.70
CA ARG A 187 1.00 21.51 3.69
C ARG A 187 1.22 20.08 4.16
N CYS A 188 0.68 19.12 3.43
CA CYS A 188 0.94 17.69 3.75
C CYS A 188 1.89 17.03 2.77
N VAL A 189 2.62 16.05 3.25
CA VAL A 189 3.44 15.18 2.40
C VAL A 189 2.79 13.80 2.44
N VAL A 190 2.56 13.23 1.25
CA VAL A 190 1.92 11.90 1.14
C VAL A 190 3.01 10.86 0.80
N ILE A 191 3.01 9.78 1.57
CA ILE A 191 3.99 8.66 1.43
C ILE A 191 3.30 7.49 0.75
N GLU A 192 3.66 7.25 -0.53
CA GLU A 192 2.89 6.26 -1.30
C GLU A 192 3.80 5.34 -2.13
N ASP A 193 3.31 4.14 -2.46
CA ASP A 193 4.11 3.18 -3.29
C ASP A 193 3.44 2.78 -4.61
N SER A 194 2.49 3.59 -5.06
CA SER A 194 1.81 3.33 -6.32
C SER A 194 1.35 4.60 -6.97
N VAL A 195 1.09 4.53 -8.29
CA VAL A 195 0.48 5.63 -8.96
C VAL A 195 -0.93 5.86 -8.48
N THR A 196 -1.71 4.79 -8.28
CA THR A 196 -3.07 4.95 -7.78
C THR A 196 -3.08 5.85 -6.51
N GLY A 197 -2.25 5.50 -5.53
CA GLY A 197 -2.24 6.29 -4.28
C GLY A 197 -1.51 7.63 -4.40
N GLY A 198 -0.39 7.66 -5.14
CA GLY A 198 0.34 8.90 -5.31
C GLY A 198 -0.53 9.91 -6.02
N ALA A 199 -1.28 9.48 -7.03
CA ALA A 199 -2.20 10.37 -7.74
C ALA A 199 -3.23 10.98 -6.81
N ALA A 200 -3.83 10.15 -5.96
CA ALA A 200 -4.78 10.66 -4.96
C ALA A 200 -4.13 11.80 -4.10
N GLY A 201 -2.89 11.58 -3.64
CA GLY A 201 -2.14 12.60 -2.85
C GLY A 201 -1.88 13.86 -3.65
N LEU A 202 -1.37 13.75 -4.88
CA LEU A 202 -1.17 14.96 -5.73
C LEU A 202 -2.45 15.72 -6.06
N ALA A 203 -3.52 15.00 -6.39
CA ALA A 203 -4.78 15.58 -6.69
C ALA A 203 -5.39 16.27 -5.49
N ALA A 204 -5.00 15.88 -4.26
CA ALA A 204 -5.51 16.60 -3.07
C ALA A 204 -4.72 17.91 -2.82
N GLY A 205 -3.64 18.10 -3.58
CA GLY A 205 -2.75 19.28 -3.46
C GLY A 205 -1.51 19.05 -2.59
N ALA A 206 -1.33 17.82 -2.09
CA ALA A 206 -0.18 17.48 -1.26
C ALA A 206 1.09 17.31 -2.09
N THR A 207 2.23 17.31 -1.40
CA THR A 207 3.47 16.86 -2.01
C THR A 207 3.54 15.32 -1.91
N LEU A 208 3.97 14.69 -3.02
CA LEU A 208 4.21 13.25 -3.05
C LEU A 208 5.65 12.81 -2.85
N TRP A 209 5.88 12.03 -1.82
CA TRP A 209 7.13 11.31 -1.75
C TRP A 209 6.87 9.82 -1.93
N GLY A 210 7.47 9.23 -2.97
CA GLY A 210 7.23 7.83 -3.19
C GLY A 210 8.10 7.08 -2.23
N LEU A 211 7.62 5.95 -1.72
CA LEU A 211 8.43 5.03 -0.94
C LEU A 211 8.31 3.63 -1.48
N LEU A 212 9.46 3.08 -1.87
CA LEU A 212 9.52 1.81 -2.54
C LEU A 212 10.57 1.00 -1.81
N VAL A 213 10.16 0.40 -0.70
CA VAL A 213 11.09 -0.43 0.09
C VAL A 213 11.28 -1.73 -0.70
N PRO A 214 12.54 -2.09 -0.99
CA PRO A 214 12.80 -3.22 -1.85
C PRO A 214 12.59 -4.53 -1.12
N GLY A 215 12.40 -5.60 -1.89
CA GLY A 215 12.06 -6.88 -1.32
C GLY A 215 10.60 -7.05 -0.99
N HIS A 216 9.79 -6.07 -1.37
CA HIS A 216 8.36 -6.19 -1.22
C HIS A 216 7.86 -5.67 -2.56
N PRO A 217 6.82 -6.29 -3.11
CA PRO A 217 6.29 -5.77 -4.38
C PRO A 217 5.46 -4.46 -4.20
N HIS A 218 5.52 -3.60 -5.21
CA HIS A 218 4.72 -2.37 -5.24
C HIS A 218 4.06 -2.31 -6.57
N PRO A 219 2.94 -1.58 -6.67
CA PRO A 219 2.23 -1.70 -7.94
C PRO A 219 2.90 -0.95 -9.07
N ASP A 220 3.77 -0.01 -8.75
CA ASP A 220 4.48 0.78 -9.76
C ASP A 220 5.94 1.00 -9.32
N GLY A 221 6.78 1.39 -10.27
CA GLY A 221 8.21 1.61 -9.94
C GLY A 221 8.65 3.06 -9.83
N ALA A 222 9.94 3.25 -9.55
CA ALA A 222 10.49 4.58 -9.30
C ALA A 222 10.29 5.55 -10.46
N ALA A 223 10.47 5.08 -11.70
CA ALA A 223 10.35 5.98 -12.84
C ALA A 223 8.91 6.46 -13.05
N ALA A 224 7.96 5.56 -12.81
CA ALA A 224 6.57 5.94 -12.94
C ALA A 224 6.18 6.94 -11.87
N LEU A 225 6.60 6.70 -10.63
CA LEU A 225 6.32 7.69 -9.57
C LEU A 225 6.95 9.08 -9.81
N SER A 226 8.21 9.14 -10.30
CA SER A 226 8.87 10.42 -10.61
C SER A 226 8.18 11.13 -11.76
N ARG A 227 7.89 10.40 -12.84
CA ARG A 227 7.11 11.01 -13.94
C ARG A 227 5.72 11.48 -13.55
N LEU A 228 5.12 10.77 -12.59
CA LEU A 228 3.79 11.15 -12.05
C LEU A 228 3.87 12.51 -11.38
N GLY A 229 5.00 12.73 -10.71
CA GLY A 229 5.28 14.00 -10.08
C GLY A 229 5.76 13.87 -8.64
N ALA A 230 6.20 12.67 -8.21
CA ALA A 230 6.82 12.54 -6.89
C ALA A 230 8.02 13.47 -6.81
N ALA A 231 8.09 14.23 -5.72
CA ALA A 231 9.21 15.18 -5.47
C ALA A 231 10.51 14.43 -5.21
N ARG A 232 10.37 13.26 -4.57
CA ARG A 232 11.46 12.30 -4.40
C ARG A 232 10.91 10.90 -4.24
N VAL A 233 11.79 9.94 -4.43
CA VAL A 233 11.47 8.51 -4.37
C VAL A 233 12.47 7.90 -3.45
N LEU A 234 12.00 7.59 -2.25
CA LEU A 234 12.81 7.01 -1.18
C LEU A 234 12.74 5.50 -1.21
N THR A 235 13.75 4.80 -0.66
CA THR A 235 13.77 3.33 -0.68
C THR A 235 13.86 2.60 0.69
N SER A 236 13.75 3.35 1.79
CA SER A 236 13.71 2.72 3.11
C SER A 236 13.05 3.66 4.11
N HIS A 237 12.61 3.14 5.25
CA HIS A 237 12.05 3.98 6.28
C HIS A 237 13.12 4.85 6.90
N ALA A 238 14.33 4.32 6.94
CA ALA A 238 15.48 5.09 7.44
C ALA A 238 15.70 6.34 6.57
N GLU A 239 15.65 6.13 5.25
CA GLU A 239 15.71 7.22 4.30
C GLU A 239 14.55 8.20 4.47
N LEU A 240 13.36 7.68 4.69
CA LEU A 240 12.22 8.56 4.90
C LEU A 240 12.43 9.48 6.12
N ARG A 241 12.95 8.89 7.20
CA ARG A 241 13.15 9.62 8.44
C ARG A 241 14.20 10.74 8.27
N ALA A 242 15.28 10.45 7.55
CA ALA A 242 16.23 11.48 7.16
C ALA A 242 15.56 12.60 6.35
N ALA A 243 14.73 12.25 5.38
CA ALA A 243 14.10 13.27 4.57
C ALA A 243 13.13 14.16 5.34
N LEU A 244 12.39 13.54 6.29
CA LEU A 244 11.45 14.25 7.12
C LEU A 244 12.17 15.26 8.02
N ALA A 245 13.36 14.89 8.47
CA ALA A 245 14.24 15.78 9.24
C ALA A 245 14.76 16.94 8.38
N GLU A 246 15.23 16.66 7.17
CA GLU A 246 15.65 17.74 6.27
C GLU A 246 14.51 18.71 6.13
N ALA A 247 13.28 18.18 6.09
CA ALA A 247 12.08 19.01 5.87
C ALA A 247 11.53 19.66 7.16
N GLY A 248 12.27 19.48 8.26
CA GLY A 248 11.93 20.19 9.49
C GLY A 248 10.92 19.49 10.37
N LEU A 249 10.54 18.27 10.02
CA LEU A 249 9.54 17.52 10.80
C LEU A 249 10.13 16.67 11.93
N LEU A 250 11.30 16.09 11.69
CA LEU A 250 11.94 15.27 12.74
C LEU A 250 13.27 15.91 13.07
N THR A 251 13.92 15.42 14.11
CA THR A 251 15.30 15.81 14.44
C THR A 251 16.34 15.01 13.64
N PRO A 252 17.27 15.73 12.95
CA PRO A 252 18.26 15.07 12.06
C PRO A 252 19.26 14.25 12.87
N ALA A 253 19.70 13.11 12.32
CA ALA A 253 20.54 12.15 13.05
C ALA A 253 21.62 12.82 13.91
MG MG B . 0.24 1.03 -1.41
CL CL C . -4.76 1.97 -0.85
CL CL D . -3.86 0.38 1.60
CL CL E . 8.09 -1.80 11.53
#